data_6BC4
#
_entry.id   6BC4
#
_cell.length_a   78.515
_cell.length_b   78.515
_cell.length_c   83.860
_cell.angle_alpha   90.000
_cell.angle_beta   90.000
_cell.angle_gamma   120.000
#
_symmetry.space_group_name_H-M   'P 61'
#
loop_
_entity.id
_entity.type
_entity.pdbx_description
1 polymer 'AAC 3-VI protein'
2 non-polymer 'ACETYL COENZYME *A'
3 water water
#
_entity_poly.entity_id   1
_entity_poly.type   'polypeptide(L)'
_entity_poly.pdbx_seq_one_letter_code
;GSHMTDPRKNGDLHEPATAPATPWSKSELVRQLRDLGVRSGDMVMPHVSLRAVGPLADGPQTLVDALIEAVGPTGNILAF
VSWRDSPYEQTLGHDAPPAAIAQSWPAFDPDHAPAYPGFGAINEFIRTYPGCRRTAHPDASMAAIGPDAAWLVAPHEMGA
AYGPRSPIARFLAHAGKILSIGAGPDAVTALHYAEAVARIEGKRRVTYSMPLLREGKRVWVTTSDWDSNGILDEYAAPDG
PDAVERIARDYLARTRVAQGPVGGAQSRLIDAADIVSFGIEWLEARHAAPAAAALKPKQRRD
;
_entity_poly.pdbx_strand_id   A
#
# COMPACT_ATOMS: atom_id res chain seq x y z
N THR A 22 2.91 7.99 -29.49
CA THR A 22 3.89 6.91 -29.48
C THR A 22 4.15 6.43 -28.05
N PRO A 23 4.04 5.12 -27.83
CA PRO A 23 4.11 4.58 -26.48
C PRO A 23 5.48 4.77 -25.84
N TRP A 24 5.48 4.94 -24.52
CA TRP A 24 6.72 5.05 -23.78
C TRP A 24 7.45 3.71 -23.75
N SER A 25 8.77 3.75 -23.88
CA SER A 25 9.57 2.55 -23.84
C SER A 25 10.11 2.31 -22.43
N LYS A 26 10.61 1.09 -22.21
CA LYS A 26 11.19 0.74 -20.91
C LYS A 26 12.40 1.60 -20.60
N SER A 27 13.24 1.88 -21.60
N SER A 27 13.24 1.88 -21.60
CA SER A 27 14.43 2.68 -21.38
CA SER A 27 14.42 2.68 -21.37
C SER A 27 14.06 4.14 -21.08
C SER A 27 14.06 4.14 -21.08
N GLU A 28 13.01 4.65 -21.70
CA GLU A 28 12.57 6.02 -21.43
C GLU A 28 12.07 6.16 -20.01
N LEU A 29 11.35 5.15 -19.51
CA LEU A 29 10.82 5.21 -18.15
C LEU A 29 11.94 5.11 -17.12
N VAL A 30 12.96 4.28 -17.38
CA VAL A 30 14.07 4.15 -16.46
C VAL A 30 14.82 5.48 -16.34
N ARG A 31 15.03 6.17 -17.46
CA ARG A 31 15.68 7.47 -17.43
C ARG A 31 14.87 8.47 -16.62
N GLN A 32 13.55 8.46 -16.81
CA GLN A 32 12.69 9.34 -16.01
C GLN A 32 12.76 8.99 -14.53
N LEU A 33 12.78 7.69 -14.22
CA LEU A 33 12.93 7.28 -12.82
C LEU A 33 14.29 7.69 -12.27
N ARG A 34 15.31 7.76 -13.13
CA ARG A 34 16.61 8.24 -12.69
C ARG A 34 16.59 9.74 -12.41
N ASP A 35 15.92 10.51 -13.26
CA ASP A 35 15.81 11.95 -13.03
C ASP A 35 15.03 12.24 -11.74
N LEU A 36 14.02 11.43 -11.44
CA LEU A 36 13.21 11.65 -10.25
C LEU A 36 14.00 11.42 -8.97
N GLY A 37 15.04 10.57 -9.03
CA GLY A 37 15.85 10.26 -7.87
C GLY A 37 15.89 8.81 -7.48
N VAL A 38 15.24 7.91 -8.22
CA VAL A 38 15.30 6.48 -7.90
C VAL A 38 16.70 5.96 -8.25
N ARG A 39 17.36 5.37 -7.26
CA ARG A 39 18.70 4.84 -7.43
C ARG A 39 18.69 3.33 -7.24
N SER A 40 19.73 2.69 -7.75
CA SER A 40 19.88 1.25 -7.57
C SER A 40 20.05 0.91 -6.10
N GLY A 41 19.27 -0.06 -5.62
CA GLY A 41 19.26 -0.43 -4.23
C GLY A 41 18.15 0.19 -3.41
N ASP A 42 17.37 1.10 -3.99
CA ASP A 42 16.30 1.74 -3.27
C ASP A 42 15.17 0.76 -2.97
N MET A 43 14.44 1.02 -1.89
CA MET A 43 13.21 0.32 -1.56
C MET A 43 12.05 1.27 -1.87
N VAL A 44 11.25 0.92 -2.87
CA VAL A 44 10.27 1.84 -3.46
C VAL A 44 8.88 1.24 -3.33
N MET A 45 7.93 2.08 -2.92
CA MET A 45 6.51 1.71 -2.86
C MET A 45 5.73 2.56 -3.85
N PRO A 46 5.26 1.98 -4.97
CA PRO A 46 4.58 2.80 -5.98
C PRO A 46 3.07 2.86 -5.81
N HIS A 47 2.52 4.03 -6.14
CA HIS A 47 1.08 4.25 -6.27
C HIS A 47 0.86 4.85 -7.66
N VAL A 48 0.25 4.08 -8.55
CA VAL A 48 0.27 4.38 -9.98
C VAL A 48 -1.14 4.58 -10.50
N SER A 49 -1.29 5.59 -11.37
CA SER A 49 -2.47 5.77 -12.21
C SER A 49 -2.02 5.50 -13.64
N LEU A 50 -2.40 4.33 -14.16
CA LEU A 50 -1.94 3.94 -15.50
C LEU A 50 -2.51 4.86 -16.58
N ARG A 51 -3.68 5.44 -16.35
CA ARG A 51 -4.23 6.38 -17.32
C ARG A 51 -3.42 7.66 -17.38
N ALA A 52 -2.86 8.09 -16.25
CA ALA A 52 -2.00 9.26 -16.26
C ALA A 52 -0.65 8.96 -16.91
N VAL A 53 -0.18 7.71 -16.81
CA VAL A 53 1.08 7.34 -17.42
C VAL A 53 0.99 7.41 -18.94
N GLY A 54 -0.10 6.90 -19.51
CA GLY A 54 -0.27 6.89 -20.94
C GLY A 54 0.08 5.54 -21.54
N PRO A 55 -0.11 5.40 -22.85
CA PRO A 55 0.17 4.11 -23.49
C PRO A 55 1.64 3.74 -23.39
N LEU A 56 1.89 2.47 -23.08
CA LEU A 56 3.23 1.93 -22.92
C LEU A 56 3.53 0.93 -24.03
N ALA A 57 4.82 0.62 -24.18
CA ALA A 57 5.26 -0.21 -25.30
C ALA A 57 4.62 -1.58 -25.27
N ASP A 58 4.59 -2.22 -24.10
CA ASP A 58 4.01 -3.55 -23.94
C ASP A 58 3.00 -3.58 -22.80
N GLY A 59 2.21 -2.51 -22.68
CA GLY A 59 1.21 -2.43 -21.66
C GLY A 59 1.80 -2.10 -20.29
N PRO A 60 1.02 -2.33 -19.23
CA PRO A 60 1.50 -2.01 -17.88
C PRO A 60 2.76 -2.75 -17.49
N GLN A 61 3.07 -3.89 -18.12
CA GLN A 61 4.29 -4.63 -17.79
C GLN A 61 5.54 -3.80 -18.08
N THR A 62 5.46 -2.88 -19.03
CA THR A 62 6.61 -2.03 -19.34
C THR A 62 7.01 -1.19 -18.13
N LEU A 63 6.03 -0.64 -17.42
CA LEU A 63 6.34 0.15 -16.24
C LEU A 63 6.87 -0.72 -15.11
N VAL A 64 6.35 -1.94 -14.98
CA VAL A 64 6.86 -2.86 -13.96
C VAL A 64 8.32 -3.20 -14.22
N ASP A 65 8.66 -3.47 -15.49
CA ASP A 65 10.04 -3.78 -15.83
C ASP A 65 10.96 -2.59 -15.57
N ALA A 66 10.46 -1.38 -15.80
CA ALA A 66 11.28 -0.19 -15.58
C ALA A 66 11.53 0.04 -14.10
N LEU A 67 10.52 -0.21 -13.25
CA LEU A 67 10.70 -0.06 -11.81
C LEU A 67 11.73 -1.05 -11.29
N ILE A 68 11.70 -2.28 -11.78
CA ILE A 68 12.63 -3.30 -11.32
C ILE A 68 14.06 -2.96 -11.75
N GLU A 69 14.23 -2.45 -12.98
CA GLU A 69 15.56 -2.05 -13.42
C GLU A 69 16.05 -0.81 -12.67
N ALA A 70 15.14 0.09 -12.28
CA ALA A 70 15.55 1.29 -11.59
C ALA A 70 16.09 0.99 -10.20
N VAL A 71 15.43 0.09 -9.47
CA VAL A 71 15.89 -0.23 -8.12
C VAL A 71 17.06 -1.19 -8.13
N GLY A 72 17.33 -1.85 -9.25
CA GLY A 72 18.47 -2.72 -9.37
C GLY A 72 18.27 -4.07 -8.71
N PRO A 73 19.27 -4.94 -8.80
CA PRO A 73 19.13 -6.28 -8.23
C PRO A 73 19.08 -6.29 -6.71
N THR A 74 19.68 -5.30 -6.05
CA THR A 74 19.65 -5.21 -4.60
C THR A 74 18.51 -4.33 -4.08
N GLY A 75 17.75 -3.70 -4.98
CA GLY A 75 16.60 -2.90 -4.59
C GLY A 75 15.38 -3.76 -4.33
N ASN A 76 14.30 -3.09 -3.93
CA ASN A 76 13.08 -3.77 -3.55
C ASN A 76 11.86 -2.94 -3.96
N ILE A 77 10.78 -3.64 -4.31
CA ILE A 77 9.50 -3.05 -4.63
C ILE A 77 8.47 -3.57 -3.65
N LEU A 78 7.70 -2.66 -3.04
CA LEU A 78 6.64 -3.02 -2.13
C LEU A 78 5.35 -2.36 -2.58
N ALA A 79 4.28 -3.15 -2.69
CA ALA A 79 3.01 -2.64 -3.17
C ALA A 79 1.88 -3.15 -2.29
N PHE A 80 0.94 -2.25 -1.96
CA PHE A 80 -0.28 -2.61 -1.24
C PHE A 80 -1.30 -3.05 -2.29
N VAL A 81 -1.48 -4.36 -2.43
CA VAL A 81 -2.35 -4.90 -3.47
C VAL A 81 -3.68 -5.40 -2.93
N SER A 82 -3.76 -5.76 -1.66
CA SER A 82 -5.00 -6.18 -0.99
C SER A 82 -5.53 -7.43 -1.71
N TRP A 83 -6.83 -7.58 -1.86
CA TRP A 83 -7.44 -8.79 -2.42
C TRP A 83 -8.75 -8.42 -3.08
N ARG A 84 -8.96 -8.93 -4.30
CA ARG A 84 -10.16 -8.59 -5.05
C ARG A 84 -11.43 -9.05 -4.32
N ASP A 85 -11.36 -10.19 -3.62
CA ASP A 85 -12.52 -10.78 -2.97
C ASP A 85 -12.39 -10.77 -1.45
N SER A 86 -11.94 -9.64 -0.90
CA SER A 86 -11.83 -9.52 0.55
C SER A 86 -13.22 -9.46 1.16
N PRO A 87 -13.54 -10.32 2.13
CA PRO A 87 -14.88 -10.27 2.74
C PRO A 87 -14.96 -9.22 3.85
N TYR A 88 -14.40 -8.03 3.58
CA TYR A 88 -14.36 -6.98 4.59
C TYR A 88 -15.76 -6.51 4.96
N GLU A 89 -16.50 -5.99 3.98
CA GLU A 89 -17.83 -5.47 4.26
C GLU A 89 -18.79 -6.58 4.69
N GLN A 90 -18.58 -7.79 4.20
CA GLN A 90 -19.49 -8.90 4.52
C GLN A 90 -19.34 -9.36 5.95
N THR A 91 -18.22 -9.09 6.62
CA THR A 91 -17.99 -9.50 7.99
C THR A 91 -17.77 -8.32 8.94
N LEU A 92 -17.86 -7.09 8.45
CA LEU A 92 -17.61 -5.92 9.29
C LEU A 92 -18.62 -5.84 10.43
N GLY A 93 -18.13 -5.56 11.63
CA GLY A 93 -19.00 -5.33 12.77
C GLY A 93 -19.57 -6.59 13.39
N HIS A 94 -19.03 -7.76 13.08
CA HIS A 94 -19.51 -9.01 13.64
C HIS A 94 -18.40 -9.69 14.41
N ASP A 95 -18.77 -10.37 15.50
CA ASP A 95 -17.81 -11.15 16.27
C ASP A 95 -17.38 -12.43 15.56
N ALA A 96 -18.02 -12.75 14.43
CA ALA A 96 -17.71 -13.94 13.65
C ALA A 96 -18.34 -13.76 12.28
N PRO A 97 -17.79 -14.41 11.25
CA PRO A 97 -18.39 -14.30 9.92
C PRO A 97 -19.80 -14.85 9.91
N PRO A 98 -20.75 -14.14 9.31
CA PRO A 98 -22.10 -14.68 9.17
C PRO A 98 -22.08 -16.05 8.51
N ALA A 99 -23.10 -16.86 8.81
CA ALA A 99 -23.10 -18.27 8.43
C ALA A 99 -22.91 -18.44 6.93
N ALA A 100 -23.65 -17.68 6.13
CA ALA A 100 -23.56 -17.82 4.68
C ALA A 100 -22.17 -17.45 4.16
N ILE A 101 -21.51 -16.48 4.79
CA ILE A 101 -20.16 -16.10 4.38
C ILE A 101 -19.15 -17.13 4.85
N ALA A 102 -19.29 -17.61 6.09
CA ALA A 102 -18.31 -18.53 6.65
C ALA A 102 -18.29 -19.87 5.94
N GLN A 103 -19.45 -20.30 5.41
CA GLN A 103 -19.56 -21.63 4.84
C GLN A 103 -19.05 -21.74 3.42
N SER A 104 -18.94 -20.63 2.68
CA SER A 104 -18.63 -20.71 1.27
C SER A 104 -17.55 -19.76 0.78
N TRP A 105 -17.10 -18.80 1.58
CA TRP A 105 -16.15 -17.83 1.07
C TRP A 105 -14.81 -18.50 0.76
N PRO A 106 -14.17 -18.14 -0.34
CA PRO A 106 -12.86 -18.73 -0.66
C PRO A 106 -11.80 -18.31 0.33
N ALA A 107 -10.92 -19.24 0.67
CA ALA A 107 -9.80 -18.94 1.53
C ALA A 107 -8.76 -18.12 0.77
N PHE A 108 -8.07 -17.24 1.50
CA PHE A 108 -7.05 -16.40 0.89
C PHE A 108 -5.81 -17.24 0.59
N ASP A 109 -5.57 -17.48 -0.70
CA ASP A 109 -4.37 -18.17 -1.16
C ASP A 109 -3.39 -17.11 -1.64
N PRO A 110 -2.35 -16.77 -0.87
CA PRO A 110 -1.51 -15.61 -1.23
C PRO A 110 -0.95 -15.63 -2.65
N ASP A 111 -0.41 -16.76 -3.09
CA ASP A 111 0.19 -16.84 -4.42
C ASP A 111 -0.84 -17.08 -5.52
N HIS A 112 -2.14 -17.01 -5.20
CA HIS A 112 -3.17 -17.24 -6.21
C HIS A 112 -4.33 -16.27 -6.11
N ALA A 113 -4.25 -15.23 -5.25
CA ALA A 113 -5.35 -14.31 -5.06
C ALA A 113 -5.11 -13.06 -5.87
N PRO A 114 -6.03 -12.68 -6.77
CA PRO A 114 -5.85 -11.45 -7.54
C PRO A 114 -5.95 -10.22 -6.66
N ALA A 115 -5.25 -9.17 -7.08
CA ALA A 115 -5.23 -7.93 -6.34
C ALA A 115 -6.57 -7.20 -6.44
N TYR A 116 -6.77 -6.26 -5.53
CA TYR A 116 -7.97 -5.43 -5.55
C TYR A 116 -7.89 -4.44 -6.71
N PRO A 117 -8.81 -4.48 -7.67
CA PRO A 117 -8.66 -3.60 -8.85
C PRO A 117 -8.75 -2.12 -8.53
N GLY A 118 -9.46 -1.74 -7.46
CA GLY A 118 -9.65 -0.34 -7.16
C GLY A 118 -8.39 0.41 -6.77
N PHE A 119 -7.33 -0.32 -6.41
CA PHE A 119 -6.08 0.30 -6.01
C PHE A 119 -5.08 0.39 -7.16
N GLY A 120 -5.50 0.09 -8.39
CA GLY A 120 -4.60 0.23 -9.53
C GLY A 120 -4.40 -1.11 -10.23
N ALA A 121 -4.57 -1.09 -11.55
CA ALA A 121 -4.39 -2.30 -12.35
C ALA A 121 -2.94 -2.73 -12.42
N ILE A 122 -1.99 -1.86 -12.08
CA ILE A 122 -0.59 -2.23 -12.09
C ILE A 122 -0.27 -3.27 -11.03
N ASN A 123 -1.08 -3.36 -9.97
CA ASN A 123 -0.77 -4.25 -8.87
C ASN A 123 -0.92 -5.72 -9.26
N GLU A 124 -1.87 -6.03 -10.14
CA GLU A 124 -2.00 -7.41 -10.61
C GLU A 124 -0.79 -7.82 -11.44
N PHE A 125 -0.15 -6.87 -12.13
CA PHE A 125 1.09 -7.18 -12.82
C PHE A 125 2.25 -7.34 -11.85
N ILE A 126 2.23 -6.58 -10.75
CA ILE A 126 3.30 -6.68 -9.76
C ILE A 126 3.24 -8.01 -9.03
N ARG A 127 2.03 -8.40 -8.57
CA ARG A 127 1.90 -9.60 -7.77
C ARG A 127 2.14 -10.87 -8.58
N THR A 128 1.95 -10.83 -9.90
CA THR A 128 2.21 -11.99 -10.74
C THR A 128 3.61 -12.01 -11.32
N TYR A 129 4.46 -11.06 -10.94
CA TYR A 129 5.85 -11.09 -11.40
C TYR A 129 6.57 -12.28 -10.77
N PRO A 130 7.41 -12.97 -11.54
CA PRO A 130 8.11 -14.14 -10.98
C PRO A 130 8.99 -13.76 -9.79
N GLY A 131 8.83 -14.50 -8.69
CA GLY A 131 9.56 -14.23 -7.47
C GLY A 131 8.88 -13.30 -6.51
N CYS A 132 7.74 -12.70 -6.90
CA CYS A 132 7.04 -11.80 -6.01
C CYS A 132 6.44 -12.56 -4.83
N ARG A 133 6.52 -11.96 -3.65
CA ARG A 133 5.98 -12.55 -2.43
C ARG A 133 4.72 -11.80 -2.00
N ARG A 134 3.90 -12.48 -1.20
CA ARG A 134 2.60 -11.97 -0.81
C ARG A 134 2.39 -12.18 0.68
N THR A 135 1.87 -11.16 1.37
CA THR A 135 1.59 -11.29 2.79
C THR A 135 0.32 -12.08 3.02
N ALA A 136 0.18 -12.60 4.24
CA ALA A 136 -0.92 -13.47 4.61
C ALA A 136 -2.13 -12.71 5.13
N HIS A 137 -2.06 -11.39 5.23
CA HIS A 137 -3.21 -10.59 5.64
C HIS A 137 -4.08 -10.33 4.42
N PRO A 138 -5.25 -10.97 4.31
CA PRO A 138 -6.02 -10.87 3.06
C PRO A 138 -6.47 -9.47 2.70
N ASP A 139 -6.90 -8.68 3.68
CA ASP A 139 -7.42 -7.36 3.37
C ASP A 139 -6.31 -6.34 3.18
N ALA A 140 -5.20 -6.46 3.92
CA ALA A 140 -4.08 -5.53 3.83
C ALA A 140 -2.90 -6.14 3.07
N SER A 141 -3.17 -7.06 2.15
CA SER A 141 -2.11 -7.85 1.53
C SER A 141 -1.13 -6.96 0.77
N MET A 142 0.15 -7.20 0.99
CA MET A 142 1.23 -6.49 0.30
C MET A 142 1.99 -7.45 -0.60
N ALA A 143 2.45 -6.93 -1.73
CA ALA A 143 3.30 -7.66 -2.65
C ALA A 143 4.70 -7.05 -2.63
N ALA A 144 5.72 -7.92 -2.63
CA ALA A 144 7.09 -7.47 -2.52
C ALA A 144 7.98 -8.22 -3.51
N ILE A 145 8.91 -7.49 -4.12
CA ILE A 145 9.85 -8.04 -5.09
C ILE A 145 11.25 -7.57 -4.72
N GLY A 146 12.17 -8.52 -4.52
CA GLY A 146 13.54 -8.20 -4.22
C GLY A 146 14.14 -9.08 -3.16
N PRO A 147 15.41 -8.82 -2.82
CA PRO A 147 16.07 -9.65 -1.79
C PRO A 147 15.43 -9.53 -0.42
N ASP A 148 14.78 -8.41 -0.12
CA ASP A 148 14.10 -8.20 1.16
C ASP A 148 12.63 -8.53 1.09
N ALA A 149 12.17 -9.17 0.01
CA ALA A 149 10.75 -9.41 -0.17
C ALA A 149 10.18 -10.32 0.91
N ALA A 150 10.89 -11.40 1.23
CA ALA A 150 10.40 -12.32 2.26
C ALA A 150 10.39 -11.64 3.64
N TRP A 151 11.37 -10.79 3.91
CA TRP A 151 11.42 -10.07 5.19
C TRP A 151 10.32 -9.03 5.28
N LEU A 152 10.02 -8.36 4.16
CA LEU A 152 8.92 -7.39 4.15
C LEU A 152 7.58 -8.08 4.30
N VAL A 153 7.40 -9.24 3.67
CA VAL A 153 6.08 -9.82 3.50
C VAL A 153 5.59 -10.53 4.76
N ALA A 154 6.49 -11.02 5.60
CA ALA A 154 6.11 -11.76 6.78
C ALA A 154 6.88 -11.24 7.99
N PRO A 155 6.25 -11.18 9.17
CA PRO A 155 4.84 -11.55 9.40
C PRO A 155 3.86 -10.45 9.04
N HIS A 156 2.60 -10.84 8.82
CA HIS A 156 1.52 -9.89 8.58
C HIS A 156 0.24 -10.52 9.14
N GLU A 157 0.11 -10.46 10.46
CA GLU A 157 -0.98 -11.12 11.17
C GLU A 157 -2.20 -10.21 11.26
N MET A 158 -3.35 -10.83 11.49
CA MET A 158 -4.57 -10.08 11.75
C MET A 158 -4.43 -9.28 13.03
N GLY A 159 -4.85 -8.02 12.97
CA GLY A 159 -4.66 -7.09 14.06
C GLY A 159 -3.45 -6.19 13.92
N ALA A 160 -2.64 -6.40 12.89
CA ALA A 160 -1.48 -5.56 12.59
C ALA A 160 -1.46 -5.27 11.09
N ALA A 161 -2.51 -4.58 10.61
CA ALA A 161 -2.67 -4.36 9.18
C ALA A 161 -1.61 -3.41 8.64
N TYR A 162 -1.47 -2.23 9.27
CA TYR A 162 -0.54 -1.23 8.77
C TYR A 162 0.31 -0.58 9.85
N GLY A 163 0.19 -0.99 11.10
CA GLY A 163 0.97 -0.42 12.17
C GLY A 163 2.24 -1.20 12.43
N PRO A 164 2.69 -1.23 13.68
CA PRO A 164 3.86 -2.05 14.03
C PRO A 164 3.63 -3.52 13.71
N ARG A 165 4.72 -4.20 13.36
CA ARG A 165 4.80 -5.60 12.95
C ARG A 165 4.22 -5.84 11.56
N SER A 166 3.79 -4.80 10.85
CA SER A 166 3.28 -4.92 9.50
C SER A 166 4.38 -4.64 8.48
N PRO A 167 4.18 -5.05 7.22
CA PRO A 167 5.17 -4.70 6.19
C PRO A 167 5.44 -3.20 6.08
N ILE A 168 4.43 -2.37 6.36
CA ILE A 168 4.65 -0.92 6.34
C ILE A 168 5.66 -0.51 7.41
N ALA A 169 5.55 -1.10 8.60
CA ALA A 169 6.48 -0.78 9.68
C ALA A 169 7.92 -1.11 9.28
N ARG A 170 8.13 -2.30 8.71
CA ARG A 170 9.47 -2.66 8.25
C ARG A 170 9.88 -1.82 7.05
N PHE A 171 8.92 -1.45 6.20
CA PHE A 171 9.21 -0.54 5.10
C PHE A 171 9.73 0.80 5.61
N LEU A 172 9.13 1.31 6.69
CA LEU A 172 9.56 2.59 7.26
C LEU A 172 10.93 2.46 7.94
N ALA A 173 11.27 1.27 8.40
CA ALA A 173 12.55 1.02 9.06
C ALA A 173 13.65 0.68 8.07
N HIS A 174 13.41 0.82 6.77
CA HIS A 174 14.39 0.46 5.75
C HIS A 174 14.57 1.57 4.73
N ALA A 175 14.38 2.83 5.16
CA ALA A 175 14.58 4.00 4.30
C ALA A 175 13.74 3.91 3.03
N GLY A 176 12.50 3.47 3.18
CA GLY A 176 11.65 3.29 2.03
C GLY A 176 11.26 4.61 1.39
N LYS A 177 11.05 4.56 0.08
CA LYS A 177 10.62 5.72 -0.70
C LYS A 177 9.25 5.43 -1.30
N ILE A 178 8.37 6.44 -1.24
CA ILE A 178 7.01 6.32 -1.77
C ILE A 178 6.99 6.99 -3.14
N LEU A 179 6.67 6.22 -4.17
CA LEU A 179 6.69 6.67 -5.55
C LEU A 179 5.25 6.85 -6.03
N SER A 180 4.75 8.08 -5.96
CA SER A 180 3.41 8.41 -6.45
C SER A 180 3.50 8.77 -7.93
N ILE A 181 2.93 7.93 -8.78
CA ILE A 181 2.96 8.16 -10.22
C ILE A 181 1.57 8.55 -10.70
N GLY A 182 1.31 9.86 -10.74
CA GLY A 182 0.01 10.34 -11.17
C GLY A 182 -1.13 10.03 -10.23
N ALA A 183 -0.84 9.57 -9.01
CA ALA A 183 -1.87 9.23 -8.03
C ALA A 183 -2.09 10.41 -7.08
N GLY A 184 -3.30 10.49 -6.55
CA GLY A 184 -3.66 11.55 -5.65
C GLY A 184 -3.06 11.36 -4.27
N PRO A 185 -3.13 12.43 -3.46
CA PRO A 185 -2.58 12.36 -2.10
C PRO A 185 -3.31 11.38 -1.19
N ASP A 186 -4.49 10.89 -1.59
CA ASP A 186 -5.25 9.95 -0.77
C ASP A 186 -4.67 8.55 -0.79
N ALA A 187 -3.71 8.26 -1.67
CA ALA A 187 -3.23 6.91 -1.90
C ALA A 187 -2.05 6.52 -1.02
N VAL A 188 -1.58 7.41 -0.14
CA VAL A 188 -0.38 7.12 0.64
C VAL A 188 -0.69 6.09 1.72
N THR A 189 -0.49 4.81 1.41
CA THR A 189 -0.81 3.74 2.35
C THR A 189 0.05 3.83 3.62
N ALA A 190 1.30 4.30 3.48
CA ALA A 190 2.21 4.34 4.61
C ALA A 190 1.68 5.21 5.75
N LEU A 191 0.83 6.19 5.44
CA LEU A 191 0.29 7.05 6.48
C LEU A 191 -0.67 6.33 7.42
N HIS A 192 -1.13 5.13 7.04
CA HIS A 192 -1.92 4.33 7.97
C HIS A 192 -1.10 3.92 9.19
N TYR A 193 0.22 3.84 9.06
CA TYR A 193 1.07 3.62 10.23
C TYR A 193 1.02 4.82 11.17
N ALA A 194 0.99 6.03 10.61
CA ALA A 194 0.93 7.22 11.45
C ALA A 194 -0.35 7.24 12.28
N GLU A 195 -1.48 6.83 11.71
N GLU A 195 -1.47 6.85 11.69
CA GLU A 195 -2.70 6.85 12.50
CA GLU A 195 -2.74 6.77 12.41
C GLU A 195 -2.81 5.64 13.44
C GLU A 195 -2.68 5.72 13.52
N ALA A 196 -1.98 4.62 13.26
CA ALA A 196 -1.96 3.49 14.18
C ALA A 196 -1.22 3.83 15.47
N VAL A 197 -0.14 4.61 15.38
CA VAL A 197 0.70 4.90 16.54
C VAL A 197 0.44 6.27 17.15
N ALA A 198 -0.37 7.11 16.51
CA ALA A 198 -0.63 8.45 17.02
C ALA A 198 -1.36 8.39 18.35
N ARG A 199 -0.86 9.13 19.33
CA ARG A 199 -1.47 9.17 20.67
C ARG A 199 -2.53 10.26 20.68
N ILE A 200 -3.72 9.92 20.17
CA ILE A 200 -4.83 10.84 20.10
C ILE A 200 -6.09 10.17 20.63
N GLU A 201 -7.09 10.98 20.92
CA GLU A 201 -8.35 10.51 21.49
C GLU A 201 -9.31 10.07 20.40
N GLY A 202 -10.13 9.06 20.73
CA GLY A 202 -11.24 8.69 19.88
C GLY A 202 -10.87 8.00 18.58
N LYS A 203 -9.76 7.28 18.55
CA LYS A 203 -9.38 6.55 17.34
C LYS A 203 -10.39 5.45 17.04
N ARG A 204 -10.80 5.38 15.78
CA ARG A 204 -11.80 4.41 15.36
C ARG A 204 -11.16 3.04 15.18
N ARG A 205 -11.88 2.01 15.62
CA ARG A 205 -11.48 0.63 15.44
C ARG A 205 -12.59 -0.15 14.74
N VAL A 206 -12.20 -1.18 14.00
CA VAL A 206 -13.14 -2.01 13.25
C VAL A 206 -12.88 -3.46 13.60
N THR A 207 -13.92 -4.28 13.44
CA THR A 207 -13.83 -5.72 13.68
C THR A 207 -14.34 -6.45 12.44
N TYR A 208 -13.51 -7.32 11.89
CA TYR A 208 -13.88 -8.09 10.71
C TYR A 208 -13.21 -9.46 10.77
N SER A 209 -13.60 -10.33 9.84
CA SER A 209 -13.10 -11.69 9.79
C SER A 209 -12.52 -11.98 8.41
N MET A 210 -11.42 -12.73 8.37
CA MET A 210 -10.75 -13.09 7.14
C MET A 210 -10.53 -14.59 7.07
N PRO A 211 -10.76 -15.21 5.92
CA PRO A 211 -10.51 -16.66 5.80
C PRO A 211 -9.07 -16.96 5.40
N LEU A 212 -8.28 -17.46 6.34
CA LEU A 212 -6.86 -17.69 6.09
C LEU A 212 -6.62 -19.12 5.62
N LEU A 213 -5.43 -19.34 5.07
CA LEU A 213 -5.00 -20.65 4.57
C LEU A 213 -3.76 -21.05 5.37
N ARG A 214 -3.92 -21.98 6.31
CA ARG A 214 -2.83 -22.46 7.15
C ARG A 214 -2.68 -23.96 6.92
N GLU A 215 -1.55 -24.36 6.35
CA GLU A 215 -1.26 -25.76 6.05
C GLU A 215 -2.35 -26.37 5.17
N GLY A 216 -2.74 -25.61 4.14
CA GLY A 216 -3.82 -26.00 3.26
C GLY A 216 -5.20 -26.02 3.89
N LYS A 217 -5.29 -25.84 5.20
CA LYS A 217 -6.56 -25.80 5.90
C LYS A 217 -7.03 -24.37 6.04
N ARG A 218 -8.33 -24.16 5.82
CA ARG A 218 -8.93 -22.83 5.81
C ARG A 218 -9.43 -22.49 7.21
N VAL A 219 -8.92 -21.39 7.76
CA VAL A 219 -9.21 -20.98 9.14
C VAL A 219 -9.75 -19.57 9.13
N TRP A 220 -10.92 -19.38 9.72
CA TRP A 220 -11.49 -18.04 9.89
C TRP A 220 -10.86 -17.37 11.10
N VAL A 221 -10.36 -16.16 10.92
CA VAL A 221 -9.73 -15.38 11.98
C VAL A 221 -10.49 -14.07 12.12
N THR A 222 -10.98 -13.78 13.32
CA THR A 222 -11.66 -12.54 13.63
C THR A 222 -10.75 -11.67 14.48
N THR A 223 -10.58 -10.41 14.09
CA THR A 223 -9.69 -9.50 14.79
C THR A 223 -10.31 -8.11 14.84
N SER A 224 -9.72 -7.27 15.68
CA SER A 224 -10.00 -5.84 15.67
C SER A 224 -8.73 -5.08 15.32
N ASP A 225 -8.89 -3.97 14.61
CA ASP A 225 -7.76 -3.17 14.20
C ASP A 225 -8.22 -1.73 14.00
N TRP A 226 -7.27 -0.85 13.72
CA TRP A 226 -7.60 0.54 13.46
C TRP A 226 -8.36 0.67 12.15
N ASP A 227 -9.35 1.55 12.13
CA ASP A 227 -10.14 1.82 10.93
C ASP A 227 -9.27 2.43 9.85
N SER A 228 -9.04 1.68 8.77
CA SER A 228 -8.23 2.19 7.66
C SER A 228 -9.02 3.08 6.71
N ASN A 229 -10.29 3.33 6.99
CA ASN A 229 -11.12 4.24 6.20
C ASN A 229 -11.42 5.51 6.97
N GLY A 230 -10.46 5.98 7.76
CA GLY A 230 -10.65 7.13 8.60
C GLY A 230 -10.40 6.83 10.06
N ILE A 231 -9.30 7.35 10.61
CA ILE A 231 -8.95 7.04 11.99
C ILE A 231 -9.85 7.77 12.98
N LEU A 232 -10.40 8.91 12.59
CA LEU A 232 -11.32 9.67 13.43
C LEU A 232 -12.63 9.89 12.70
N ASP A 233 -13.67 10.21 13.47
CA ASP A 233 -15.00 10.38 12.89
C ASP A 233 -15.02 11.45 11.81
N GLU A 234 -14.36 12.58 12.06
CA GLU A 234 -14.37 13.68 11.11
C GLU A 234 -13.62 13.34 9.82
N TYR A 235 -12.74 12.34 9.86
CA TYR A 235 -12.00 11.92 8.67
C TYR A 235 -12.59 10.68 8.01
N ALA A 236 -13.72 10.18 8.51
CA ALA A 236 -14.28 8.93 8.03
C ALA A 236 -15.53 9.11 7.17
N ALA A 237 -16.00 10.33 6.99
CA ALA A 237 -17.12 10.55 6.09
C ALA A 237 -16.72 10.17 4.67
N PRO A 238 -17.63 9.57 3.89
CA PRO A 238 -17.26 9.11 2.55
C PRO A 238 -17.32 10.17 1.46
N ASP A 239 -17.58 11.44 1.78
CA ASP A 239 -17.71 12.47 0.76
C ASP A 239 -16.97 13.77 1.08
N GLY A 240 -15.77 13.75 1.67
CA GLY A 240 -15.07 12.61 2.22
C GLY A 240 -13.56 12.44 2.07
N PRO A 241 -12.77 13.48 2.33
CA PRO A 241 -11.31 13.29 2.37
C PRO A 241 -10.90 12.70 3.72
N ASP A 242 -10.18 11.58 3.67
CA ASP A 242 -9.77 10.91 4.89
C ASP A 242 -8.54 11.59 5.49
N ALA A 243 -8.08 11.05 6.63
CA ALA A 243 -6.93 11.63 7.30
C ALA A 243 -5.67 11.50 6.46
N VAL A 244 -5.57 10.45 5.64
CA VAL A 244 -4.40 10.26 4.79
C VAL A 244 -4.29 11.41 3.79
N GLU A 245 -5.41 11.75 3.15
CA GLU A 245 -5.39 12.80 2.13
C GLU A 245 -5.08 14.16 2.74
N ARG A 246 -5.63 14.44 3.93
CA ARG A 246 -5.40 15.74 4.56
C ARG A 246 -3.96 15.87 5.04
N ILE A 247 -3.38 14.79 5.57
CA ILE A 247 -1.98 14.82 5.98
C ILE A 247 -1.06 14.97 4.77
N ALA A 248 -1.31 14.17 3.73
CA ALA A 248 -0.43 14.20 2.55
C ALA A 248 -0.49 15.55 1.85
N ARG A 249 -1.67 16.17 1.78
CA ARG A 249 -1.78 17.48 1.15
C ARG A 249 -1.05 18.55 1.96
N ASP A 250 -1.19 18.51 3.29
CA ASP A 250 -0.46 19.44 4.13
C ASP A 250 1.04 19.22 4.03
N TYR A 251 1.46 17.96 3.90
CA TYR A 251 2.88 17.65 3.79
C TYR A 251 3.44 18.14 2.46
N LEU A 252 2.78 17.79 1.35
CA LEU A 252 3.25 18.19 0.03
C LEU A 252 3.19 19.69 -0.17
N ALA A 253 2.37 20.40 0.60
CA ALA A 253 2.31 21.86 0.51
C ALA A 253 3.43 22.53 1.30
N ARG A 254 4.15 21.80 2.14
CA ARG A 254 5.18 22.36 3.00
C ARG A 254 6.56 21.79 2.78
N THR A 255 6.71 20.74 1.98
CA THR A 255 7.96 20.00 1.88
C THR A 255 8.48 20.00 0.45
N ARG A 256 9.79 20.16 0.31
CA ARG A 256 10.44 20.00 -0.98
C ARG A 256 10.54 18.52 -1.32
N VAL A 257 9.93 18.12 -2.43
CA VAL A 257 9.87 16.73 -2.85
C VAL A 257 10.21 16.66 -4.33
N ALA A 258 11.09 15.72 -4.69
CA ALA A 258 11.46 15.54 -6.09
C ALA A 258 10.22 15.24 -6.93
N GLN A 259 9.99 16.07 -7.94
CA GLN A 259 8.82 15.93 -8.80
C GLN A 259 9.26 15.96 -10.27
N GLY A 260 8.59 15.14 -11.08
CA GLY A 260 8.90 15.03 -12.48
C GLY A 260 8.02 14.03 -13.18
N PRO A 261 8.20 13.87 -14.49
CA PRO A 261 7.35 12.96 -15.25
C PRO A 261 7.83 11.51 -15.22
N VAL A 262 6.84 10.61 -15.14
CA VAL A 262 7.05 9.19 -15.39
C VAL A 262 6.00 8.79 -16.42
N GLY A 263 6.44 8.59 -17.66
CA GLY A 263 5.48 8.52 -18.75
C GLY A 263 4.88 9.91 -18.94
N GLY A 264 3.55 9.96 -18.97
CA GLY A 264 2.83 11.22 -19.01
C GLY A 264 2.31 11.70 -17.67
N ALA A 265 2.67 11.03 -16.58
CA ALA A 265 2.10 11.31 -15.27
C ALA A 265 3.07 12.14 -14.44
N GLN A 266 2.54 13.18 -13.79
CA GLN A 266 3.32 13.92 -12.80
C GLN A 266 3.55 13.05 -11.58
N SER A 267 4.82 12.92 -11.18
CA SER A 267 5.20 11.96 -10.16
C SER A 267 5.93 12.63 -9.00
N ARG A 268 5.99 11.93 -7.88
CA ARG A 268 6.66 12.40 -6.68
C ARG A 268 7.40 11.24 -6.03
N LEU A 269 8.59 11.52 -5.51
CA LEU A 269 9.39 10.54 -4.78
C LEU A 269 9.49 11.03 -3.33
N ILE A 270 8.73 10.41 -2.44
CA ILE A 270 8.55 10.88 -1.08
C ILE A 270 9.33 9.98 -0.13
N ASP A 271 10.01 10.61 0.83
CA ASP A 271 10.67 9.88 1.91
C ASP A 271 9.61 9.37 2.89
N ALA A 272 9.49 8.05 3.00
CA ALA A 272 8.38 7.47 3.76
C ALA A 272 8.49 7.77 5.25
N ALA A 273 9.70 7.66 5.81
CA ALA A 273 9.87 7.94 7.23
C ALA A 273 9.56 9.40 7.56
N ASP A 274 9.83 10.31 6.63
CA ASP A 274 9.60 11.73 6.89
C ASP A 274 8.11 12.06 6.89
N ILE A 275 7.37 11.54 5.91
CA ILE A 275 5.95 11.86 5.82
C ILE A 275 5.16 11.18 6.94
N VAL A 276 5.64 10.04 7.44
CA VAL A 276 4.96 9.38 8.54
C VAL A 276 5.22 10.11 9.84
N SER A 277 6.47 10.56 10.05
CA SER A 277 6.77 11.39 11.22
C SER A 277 5.98 12.69 11.16
N PHE A 278 5.83 13.26 9.96
CA PHE A 278 4.96 14.42 9.79
C PHE A 278 3.52 14.08 10.13
N GLY A 279 3.06 12.89 9.73
CA GLY A 279 1.68 12.51 9.99
C GLY A 279 1.39 12.31 11.47
N ILE A 280 2.34 11.74 12.20
CA ILE A 280 2.16 11.56 13.64
C ILE A 280 2.06 12.92 14.33
N GLU A 281 2.99 13.82 14.00
CA GLU A 281 2.94 15.17 14.56
C GLU A 281 1.69 15.91 14.11
N TRP A 282 1.23 15.66 12.89
CA TRP A 282 0.02 16.30 12.39
C TRP A 282 -1.20 15.91 13.21
N LEU A 283 -1.35 14.62 13.49
CA LEU A 283 -2.53 14.15 14.21
C LEU A 283 -2.47 14.54 15.69
N GLU A 284 -1.29 14.41 16.32
CA GLU A 284 -1.17 14.71 17.73
C GLU A 284 -1.28 16.20 18.03
N ALA A 285 -1.05 17.05 17.03
CA ALA A 285 -1.19 18.49 17.23
C ALA A 285 -2.64 18.95 17.19
N ARG A 286 -3.53 18.18 16.58
CA ARG A 286 -4.91 18.59 16.39
C ARG A 286 -5.90 17.84 17.29
N HIS A 287 -5.45 16.87 18.06
CA HIS A 287 -6.33 16.06 18.89
C HIS A 287 -5.65 15.70 20.19
N ALA A 288 -6.35 15.89 21.30
CA ALA A 288 -5.79 15.62 22.62
C ALA A 288 -5.54 14.12 22.81
N ALA A 289 -4.66 13.80 23.74
CA ALA A 289 -4.32 12.42 24.04
C ALA A 289 -5.22 11.86 25.14
#